data_5WBP
#
_entry.id   5WBP
#
_cell.length_a   82.910
_cell.length_b   85.020
_cell.length_c   138.780
_cell.angle_alpha   90.000
_cell.angle_beta   90.000
_cell.angle_gamma   90.000
#
_symmetry.space_group_name_H-M   'P 21 21 21'
#
loop_
_entity.id
_entity.type
_entity.pdbx_description
1 polymer Ketohexokinase
2 non-polymer 3-(trifluoromethyl)quinoxalin-2(1H)-one
3 non-polymer 'SULFATE ION'
4 non-polymer GLYCEROL
5 water water
#
_entity_poly.entity_id   1
_entity_poly.type   'polypeptide(L)'
_entity_poly.pdbx_seq_one_letter_code
;MGSSHHHHHHSSGLVPRGSQILCVGLVVLDVISLVDKYPKEDSEIRCLSQRWQRGGNASNSCTVLSLLGAPCAFMGSMAP
GHVADFLVADFRRRGVDVSQVAWQSKGDTPSSCCIINNSNGNRTIVLHDTSLPDVSATDFEKVDLTQFKWIHIEGRNASE
QVKMLQRIDAHNTRQPPEQKIRVSVEVEKPREELFQLFGYGDVVFVSKDVAKHLGFQSAEEALRGLYGRVRKGAVLVCAW
AEEGADALGPDGKLLHSDAFPPPRVVDTLGAGDTFNASVIFSLSQGRSVQEALRFGCQVAGKKCGLQGFDGIV
;
_entity_poly.pdbx_strand_id   A,B
#
# COMPACT_ATOMS: atom_id res chain seq x y z
N GLY A 18 -19.63 -31.17 -16.02
CA GLY A 18 -18.20 -30.82 -16.04
C GLY A 18 -17.91 -29.66 -16.97
N SER A 19 -18.10 -28.43 -16.47
CA SER A 19 -17.91 -27.21 -17.28
C SER A 19 -16.82 -26.25 -16.73
N GLN A 20 -16.92 -25.89 -15.45
CA GLN A 20 -16.04 -24.94 -14.76
C GLN A 20 -14.58 -25.39 -14.54
N ILE A 21 -13.64 -24.42 -14.43
CA ILE A 21 -12.23 -24.66 -14.09
C ILE A 21 -12.03 -24.13 -12.67
N LEU A 22 -11.46 -24.95 -11.78
CA LEU A 22 -11.27 -24.54 -10.40
C LEU A 22 -9.84 -24.23 -10.09
N CYS A 23 -9.61 -23.10 -9.42
CA CYS A 23 -8.28 -22.70 -8.99
C CYS A 23 -8.21 -22.62 -7.50
N VAL A 24 -7.27 -23.39 -6.95
CA VAL A 24 -7.03 -23.52 -5.53
C VAL A 24 -5.68 -22.86 -5.19
N GLY A 25 -5.74 -21.85 -4.33
CA GLY A 25 -4.58 -21.10 -3.84
C GLY A 25 -4.93 -19.78 -3.17
N LEU A 26 -3.97 -18.83 -3.19
CA LEU A 26 -4.08 -17.50 -2.60
C LEU A 26 -4.85 -16.48 -3.38
N VAL A 27 -5.36 -15.47 -2.64
CA VAL A 27 -5.99 -14.24 -3.10
C VAL A 27 -5.40 -13.19 -2.17
N VAL A 28 -4.76 -12.16 -2.73
CA VAL A 28 -4.01 -11.14 -1.98
C VAL A 28 -4.30 -9.75 -2.52
N LEU A 29 -4.37 -8.73 -1.66
CA LEU A 29 -4.53 -7.36 -2.14
C LEU A 29 -3.14 -6.85 -2.50
N ASP A 30 -2.97 -6.55 -3.79
CA ASP A 30 -1.72 -6.04 -4.30
C ASP A 30 -1.81 -4.51 -4.33
N VAL A 31 -1.03 -3.88 -3.44
CA VAL A 31 -0.91 -2.42 -3.32
C VAL A 31 0.28 -2.05 -4.23
N ILE A 32 -0.03 -1.58 -5.45
CA ILE A 32 0.95 -1.31 -6.52
C ILE A 32 1.38 0.15 -6.62
N SER A 33 2.69 0.36 -6.80
CA SER A 33 3.30 1.66 -7.02
C SER A 33 4.17 1.52 -8.28
N LEU A 34 3.91 2.35 -9.27
CA LEU A 34 4.63 2.31 -10.55
C LEU A 34 5.71 3.38 -10.57
N VAL A 35 6.97 2.94 -10.55
CA VAL A 35 8.15 3.80 -10.48
C VAL A 35 8.83 3.95 -11.86
N ASP A 36 9.60 5.03 -12.09
CA ASP A 36 10.34 5.13 -13.37
C ASP A 36 11.69 4.39 -13.24
N LYS A 37 12.22 4.28 -12.02
CA LYS A 37 13.44 3.54 -11.72
C LYS A 37 13.35 2.95 -10.32
N TYR A 38 13.83 1.71 -10.16
CA TYR A 38 13.79 1.00 -8.89
C TYR A 38 14.50 1.79 -7.80
N PRO A 39 13.84 2.03 -6.63
CA PRO A 39 14.48 2.84 -5.60
C PRO A 39 15.76 2.26 -5.02
N LYS A 40 16.70 3.15 -4.68
CA LYS A 40 18.00 2.82 -4.05
C LYS A 40 17.74 2.66 -2.54
N GLU A 41 18.46 1.75 -1.83
CA GLU A 41 18.25 1.57 -0.40
C GLU A 41 18.52 2.88 0.33
N ASP A 42 17.63 3.21 1.29
CA ASP A 42 17.67 4.44 2.08
C ASP A 42 17.36 5.70 1.23
N SER A 43 16.90 5.54 -0.04
CA SER A 43 16.52 6.66 -0.91
C SER A 43 15.03 7.06 -0.77
N GLU A 44 14.62 8.12 -1.46
CA GLU A 44 13.24 8.61 -1.37
C GLU A 44 12.65 9.06 -2.72
N ILE A 45 12.32 8.08 -3.62
CA ILE A 45 11.73 8.30 -4.95
C ILE A 45 10.21 8.55 -4.83
N ARG A 46 9.61 9.16 -5.85
CA ARG A 46 8.17 9.40 -5.95
C ARG A 46 7.62 8.56 -7.12
N CYS A 47 6.56 7.81 -6.86
CA CYS A 47 5.92 6.95 -7.87
C CYS A 47 5.10 7.78 -8.92
N LEU A 48 4.89 7.17 -10.10
CA LEU A 48 4.17 7.72 -11.24
C LEU A 48 2.66 7.57 -11.06
N SER A 49 2.23 6.38 -10.57
CA SER A 49 0.83 6.05 -10.30
C SER A 49 0.70 4.94 -9.26
N GLN A 50 -0.47 4.87 -8.63
CA GLN A 50 -0.77 3.88 -7.59
C GLN A 50 -2.02 3.13 -8.02
N ARG A 51 -2.14 1.85 -7.65
CA ARG A 51 -3.37 1.10 -7.87
C ARG A 51 -3.50 -0.08 -6.93
N TRP A 52 -4.72 -0.51 -6.72
CA TRP A 52 -4.98 -1.73 -5.97
C TRP A 52 -5.39 -2.75 -7.00
N GLN A 53 -4.94 -3.98 -6.78
CA GLN A 53 -5.21 -5.05 -7.70
C GLN A 53 -5.48 -6.32 -6.92
N ARG A 54 -6.41 -7.15 -7.42
CA ARG A 54 -6.68 -8.46 -6.81
C ARG A 54 -5.60 -9.46 -7.29
N GLY A 55 -4.64 -9.73 -6.40
CA GLY A 55 -3.49 -10.60 -6.64
C GLY A 55 -3.64 -12.01 -6.15
N GLY A 56 -2.50 -12.68 -5.93
CA GLY A 56 -2.44 -14.09 -5.55
C GLY A 56 -2.47 -14.93 -6.83
N ASN A 57 -1.61 -15.96 -6.90
CA ASN A 57 -1.47 -16.79 -8.09
C ASN A 57 -2.80 -17.41 -8.60
N ALA A 58 -3.48 -18.26 -7.79
CA ALA A 58 -4.75 -18.84 -8.26
C ALA A 58 -5.82 -17.79 -8.60
N SER A 59 -5.79 -16.63 -7.90
CA SER A 59 -6.70 -15.50 -8.11
C SER A 59 -6.40 -14.83 -9.46
N ASN A 60 -5.10 -14.61 -9.79
CA ASN A 60 -4.66 -14.00 -11.06
C ASN A 60 -5.05 -14.92 -12.23
N SER A 61 -4.87 -16.26 -12.05
CA SER A 61 -5.25 -17.27 -13.04
C SER A 61 -6.77 -17.22 -13.32
N CYS A 62 -7.58 -16.93 -12.28
CA CYS A 62 -9.04 -16.81 -12.45
C CYS A 62 -9.39 -15.59 -13.32
N THR A 63 -8.65 -14.45 -13.13
CA THR A 63 -8.88 -13.23 -13.92
C THR A 63 -8.68 -13.57 -15.40
N VAL A 64 -7.55 -14.23 -15.70
CA VAL A 64 -7.15 -14.61 -17.03
C VAL A 64 -8.18 -15.55 -17.68
N LEU A 65 -8.53 -16.68 -16.97
CA LEU A 65 -9.51 -17.66 -17.49
C LEU A 65 -10.84 -16.97 -17.79
N SER A 66 -11.34 -16.15 -16.82
CA SER A 66 -12.54 -15.34 -16.97
C SER A 66 -12.44 -14.53 -18.24
N LEU A 67 -11.30 -13.81 -18.45
CA LEU A 67 -11.09 -12.98 -19.66
C LEU A 67 -11.07 -13.80 -20.95
N LEU A 68 -10.57 -15.07 -20.89
CA LEU A 68 -10.53 -15.94 -22.08
C LEU A 68 -11.88 -16.61 -22.39
N GLY A 69 -12.92 -16.29 -21.61
CA GLY A 69 -14.27 -16.80 -21.75
C GLY A 69 -14.46 -18.18 -21.13
N ALA A 70 -13.71 -18.48 -20.06
CA ALA A 70 -13.77 -19.78 -19.43
C ALA A 70 -14.44 -19.72 -18.05
N PRO A 71 -15.64 -20.35 -17.89
CA PRO A 71 -16.28 -20.35 -16.57
C PRO A 71 -15.35 -21.00 -15.57
N CYS A 72 -15.04 -20.25 -14.51
CA CYS A 72 -14.09 -20.66 -13.50
C CYS A 72 -14.54 -20.34 -12.06
N ALA A 73 -13.78 -20.85 -11.08
CA ALA A 73 -14.10 -20.67 -9.68
C ALA A 73 -12.85 -20.58 -8.83
N PHE A 74 -12.94 -19.79 -7.77
CA PHE A 74 -11.82 -19.66 -6.87
C PHE A 74 -12.13 -20.28 -5.50
N MET A 75 -11.16 -21.04 -4.97
CA MET A 75 -11.22 -21.61 -3.66
C MET A 75 -9.96 -21.24 -2.96
N GLY A 76 -10.13 -20.46 -1.90
CA GLY A 76 -9.05 -19.98 -1.06
C GLY A 76 -9.60 -19.38 0.21
N SER A 77 -8.68 -19.18 1.19
CA SER A 77 -8.99 -18.61 2.49
C SER A 77 -9.13 -17.10 2.41
N MET A 78 -10.23 -16.58 2.99
CA MET A 78 -10.55 -15.16 3.05
C MET A 78 -11.18 -14.76 4.39
N ALA A 79 -10.77 -13.60 4.94
CA ALA A 79 -11.30 -13.06 6.19
C ALA A 79 -12.34 -11.96 5.89
N PRO A 80 -13.64 -12.11 6.30
CA PRO A 80 -14.63 -11.03 6.04
C PRO A 80 -14.17 -9.69 6.62
N GLY A 81 -14.25 -8.65 5.79
CA GLY A 81 -13.84 -7.30 6.11
C GLY A 81 -13.96 -6.38 4.92
N HIS A 82 -13.38 -5.18 4.99
CA HIS A 82 -13.46 -4.20 3.90
C HIS A 82 -12.51 -4.51 2.75
N VAL A 83 -11.43 -5.24 3.04
CA VAL A 83 -10.46 -5.69 2.04
C VAL A 83 -11.14 -6.80 1.21
N ALA A 84 -11.62 -7.88 1.87
CA ALA A 84 -12.30 -8.99 1.22
C ALA A 84 -13.51 -8.51 0.44
N ASP A 85 -14.19 -7.45 0.91
CA ASP A 85 -15.36 -6.89 0.22
C ASP A 85 -14.96 -6.35 -1.16
N PHE A 86 -13.74 -5.72 -1.26
CA PHE A 86 -13.17 -5.23 -2.51
C PHE A 86 -12.82 -6.43 -3.40
N LEU A 87 -12.10 -7.42 -2.82
CA LEU A 87 -11.67 -8.62 -3.52
C LEU A 87 -12.84 -9.38 -4.15
N VAL A 88 -13.92 -9.58 -3.38
CA VAL A 88 -15.13 -10.29 -3.83
C VAL A 88 -15.86 -9.47 -4.91
N ALA A 89 -15.77 -8.13 -4.81
CA ALA A 89 -16.36 -7.24 -5.80
C ALA A 89 -15.57 -7.33 -7.11
N ASP A 90 -14.26 -7.64 -7.02
CA ASP A 90 -13.42 -7.80 -8.22
C ASP A 90 -13.71 -9.14 -8.87
N PHE A 91 -13.79 -10.23 -8.06
CA PHE A 91 -14.14 -11.56 -8.54
C PHE A 91 -15.50 -11.54 -9.25
N ARG A 92 -16.49 -10.87 -8.64
CA ARG A 92 -17.84 -10.78 -9.17
C ARG A 92 -17.90 -9.98 -10.45
N ARG A 93 -17.16 -8.85 -10.53
CA ARG A 93 -17.07 -7.99 -11.72
C ARG A 93 -16.47 -8.80 -12.89
N ARG A 94 -15.64 -9.80 -12.55
CA ARG A 94 -14.97 -10.68 -13.50
C ARG A 94 -15.83 -11.88 -13.90
N GLY A 95 -16.55 -12.46 -12.95
CA GLY A 95 -17.41 -13.61 -13.18
C GLY A 95 -16.85 -14.87 -12.54
N VAL A 96 -16.05 -14.67 -11.47
CA VAL A 96 -15.41 -15.78 -10.79
C VAL A 96 -16.30 -16.25 -9.65
N ASP A 97 -16.62 -17.55 -9.66
CA ASP A 97 -17.43 -18.21 -8.65
C ASP A 97 -16.68 -18.29 -7.30
N VAL A 98 -17.14 -17.42 -6.37
CA VAL A 98 -16.65 -17.24 -5.00
C VAL A 98 -17.30 -18.22 -4.01
N SER A 99 -18.25 -19.07 -4.50
CA SER A 99 -19.02 -20.01 -3.69
C SER A 99 -18.17 -20.95 -2.84
N GLN A 100 -17.01 -21.36 -3.38
CA GLN A 100 -16.12 -22.30 -2.71
C GLN A 100 -15.14 -21.66 -1.71
N VAL A 101 -15.19 -20.31 -1.55
CA VAL A 101 -14.30 -19.61 -0.64
C VAL A 101 -14.40 -20.14 0.78
N ALA A 102 -13.26 -20.66 1.29
CA ALA A 102 -13.12 -21.19 2.63
C ALA A 102 -12.91 -20.02 3.59
N TRP A 103 -14.02 -19.34 3.97
CA TRP A 103 -14.05 -18.19 4.89
C TRP A 103 -13.56 -18.54 6.28
N GLN A 104 -12.54 -17.81 6.75
CA GLN A 104 -11.95 -17.98 8.08
C GLN A 104 -12.50 -16.90 9.02
N SER A 105 -12.24 -17.02 10.34
CA SER A 105 -12.70 -16.07 11.36
C SER A 105 -11.51 -15.39 12.06
N LYS A 106 -10.42 -16.16 12.28
CA LYS A 106 -9.19 -15.70 12.91
C LYS A 106 -8.24 -15.11 11.86
N GLY A 107 -7.79 -13.87 12.09
CA GLY A 107 -6.85 -13.17 11.22
C GLY A 107 -7.45 -12.24 10.18
N ASP A 108 -6.57 -11.63 9.36
CA ASP A 108 -6.92 -10.68 8.29
C ASP A 108 -6.58 -11.24 6.90
N THR A 109 -6.96 -10.54 5.80
CA THR A 109 -6.66 -10.99 4.44
C THR A 109 -5.21 -10.60 4.10
N PRO A 110 -4.38 -11.48 3.47
CA PRO A 110 -3.01 -11.07 3.14
C PRO A 110 -2.96 -9.91 2.14
N SER A 111 -1.92 -9.11 2.24
CA SER A 111 -1.73 -7.92 1.43
C SER A 111 -0.26 -7.81 1.09
N SER A 112 0.06 -7.18 -0.07
CA SER A 112 1.43 -7.02 -0.46
C SER A 112 1.71 -5.70 -1.11
N CYS A 113 2.95 -5.23 -0.89
CA CYS A 113 3.48 -4.02 -1.50
C CYS A 113 4.23 -4.41 -2.77
N CYS A 114 3.79 -3.87 -3.91
CA CYS A 114 4.33 -4.18 -5.21
C CYS A 114 4.91 -2.96 -5.89
N ILE A 115 6.24 -2.97 -6.09
CA ILE A 115 6.94 -1.89 -6.79
C ILE A 115 7.16 -2.37 -8.22
N ILE A 116 6.44 -1.76 -9.19
CA ILE A 116 6.55 -2.10 -10.61
C ILE A 116 7.41 -1.05 -11.29
N ASN A 117 8.55 -1.51 -11.85
CA ASN A 117 9.50 -0.65 -12.56
C ASN A 117 8.96 -0.44 -13.96
N ASN A 118 8.52 0.78 -14.30
CA ASN A 118 7.94 1.07 -15.62
C ASN A 118 8.94 0.89 -16.78
N SER A 119 10.21 1.17 -16.52
CA SER A 119 11.28 1.09 -17.50
C SER A 119 11.50 -0.32 -18.06
N ASN A 120 11.44 -1.37 -17.20
CA ASN A 120 11.67 -2.74 -17.64
C ASN A 120 10.57 -3.75 -17.27
N GLY A 121 9.57 -3.29 -16.53
CA GLY A 121 8.46 -4.13 -16.08
C GLY A 121 8.75 -5.08 -14.94
N ASN A 122 9.94 -4.98 -14.29
CA ASN A 122 10.28 -5.85 -13.15
C ASN A 122 9.36 -5.51 -11.99
N ARG A 123 8.98 -6.52 -11.24
CA ARG A 123 8.09 -6.34 -10.11
C ARG A 123 8.73 -6.88 -8.83
N THR A 124 8.77 -6.04 -7.79
CA THR A 124 9.32 -6.40 -6.50
C THR A 124 8.12 -6.48 -5.55
N ILE A 125 7.88 -7.68 -4.95
CA ILE A 125 6.75 -7.97 -4.05
C ILE A 125 7.20 -8.19 -2.60
N VAL A 126 6.74 -7.32 -1.70
CA VAL A 126 6.96 -7.45 -0.26
C VAL A 126 5.61 -7.92 0.27
N LEU A 127 5.54 -9.19 0.63
CA LEU A 127 4.29 -9.81 1.06
C LEU A 127 4.13 -9.92 2.56
N HIS A 128 2.90 -9.65 3.02
CA HIS A 128 2.47 -9.79 4.39
C HIS A 128 1.49 -10.97 4.46
N ASP A 129 1.97 -12.15 4.92
CA ASP A 129 1.13 -13.34 5.06
C ASP A 129 0.54 -13.38 6.48
N THR A 130 -0.77 -13.08 6.55
CA THR A 130 -1.62 -12.85 7.72
C THR A 130 -1.97 -14.08 8.60
N SER A 131 -1.14 -15.15 8.57
CA SER A 131 -1.32 -16.37 9.36
C SER A 131 -2.64 -17.11 9.06
N LEU A 132 -3.50 -16.52 8.18
CA LEU A 132 -4.80 -17.04 7.74
C LEU A 132 -4.68 -18.55 7.51
N PRO A 133 -5.51 -19.38 8.17
CA PRO A 133 -5.37 -20.83 7.99
C PRO A 133 -5.69 -21.22 6.54
N ASP A 134 -4.77 -21.95 5.89
CA ASP A 134 -4.89 -22.40 4.48
C ASP A 134 -6.06 -23.38 4.29
N VAL A 135 -6.59 -23.46 3.04
CA VAL A 135 -7.67 -24.37 2.66
C VAL A 135 -7.21 -25.80 2.99
N SER A 136 -7.98 -26.54 3.82
CA SER A 136 -7.62 -27.90 4.23
C SER A 136 -8.40 -28.97 3.48
N ALA A 137 -7.93 -30.25 3.52
CA ALA A 137 -8.58 -31.40 2.87
C ALA A 137 -10.08 -31.50 3.26
N THR A 138 -10.38 -31.04 4.50
CA THR A 138 -11.71 -30.94 5.11
C THR A 138 -12.59 -30.00 4.30
N ASP A 139 -12.10 -28.75 4.03
CA ASP A 139 -12.79 -27.73 3.22
C ASP A 139 -13.05 -28.29 1.81
N PHE A 140 -12.04 -29.00 1.25
CA PHE A 140 -12.06 -29.58 -0.09
C PHE A 140 -13.08 -30.70 -0.27
N GLU A 141 -13.31 -31.53 0.78
CA GLU A 141 -14.28 -32.63 0.73
C GLU A 141 -15.72 -32.13 0.49
N LYS A 142 -16.03 -30.87 0.92
CA LYS A 142 -17.33 -30.20 0.77
C LYS A 142 -17.64 -29.82 -0.68
N VAL A 143 -16.65 -29.92 -1.57
CA VAL A 143 -16.76 -29.48 -2.97
C VAL A 143 -17.32 -30.57 -3.88
N ASP A 144 -18.35 -30.21 -4.67
CA ASP A 144 -18.97 -31.07 -5.66
C ASP A 144 -18.10 -31.02 -6.91
N LEU A 145 -17.40 -32.12 -7.19
CA LEU A 145 -16.48 -32.23 -8.31
C LEU A 145 -17.16 -32.53 -9.65
N THR A 146 -18.50 -32.56 -9.69
CA THR A 146 -19.22 -32.87 -10.94
C THR A 146 -19.29 -31.65 -11.90
N GLN A 147 -19.21 -30.42 -11.37
CA GLN A 147 -19.28 -29.18 -12.16
C GLN A 147 -17.94 -28.80 -12.83
N PHE A 148 -16.83 -29.44 -12.41
CA PHE A 148 -15.48 -29.15 -12.85
C PHE A 148 -14.91 -30.03 -13.98
N LYS A 149 -14.36 -29.31 -14.98
CA LYS A 149 -13.71 -29.69 -16.23
C LYS A 149 -12.21 -29.91 -15.95
N TRP A 150 -11.66 -29.04 -15.06
CA TRP A 150 -10.24 -28.93 -14.66
C TRP A 150 -10.12 -28.43 -13.22
N ILE A 151 -9.04 -28.82 -12.52
CA ILE A 151 -8.69 -28.37 -11.18
C ILE A 151 -7.18 -28.03 -11.12
N HIS A 152 -6.85 -26.74 -10.89
CA HIS A 152 -5.48 -26.26 -10.73
C HIS A 152 -5.20 -25.95 -9.25
N ILE A 153 -4.09 -26.48 -8.71
CA ILE A 153 -3.69 -26.26 -7.32
C ILE A 153 -2.31 -25.58 -7.25
N GLU A 154 -2.25 -24.45 -6.52
CA GLU A 154 -1.08 -23.60 -6.26
C GLU A 154 -0.38 -24.16 -5.01
N GLY A 155 0.75 -24.84 -5.22
CA GLY A 155 1.54 -25.44 -4.16
C GLY A 155 1.77 -24.54 -2.94
N ARG A 156 1.05 -24.83 -1.84
CA ARG A 156 1.13 -24.11 -0.57
C ARG A 156 1.33 -25.13 0.59
N ASN A 157 0.22 -25.67 1.18
CA ASN A 157 0.23 -26.69 2.25
C ASN A 157 0.29 -28.06 1.57
N ALA A 158 1.50 -28.45 1.15
CA ALA A 158 1.76 -29.66 0.37
C ALA A 158 1.13 -30.93 0.92
N SER A 159 1.45 -31.29 2.19
CA SER A 159 0.92 -32.46 2.90
C SER A 159 -0.63 -32.51 2.88
N GLU A 160 -1.27 -31.33 3.02
CA GLU A 160 -2.72 -31.13 3.02
C GLU A 160 -3.31 -31.22 1.58
N GLN A 161 -2.60 -30.64 0.60
CA GLN A 161 -3.01 -30.61 -0.81
C GLN A 161 -2.91 -31.99 -1.46
N VAL A 162 -1.93 -32.83 -1.03
CA VAL A 162 -1.76 -34.21 -1.53
C VAL A 162 -3.06 -35.00 -1.27
N LYS A 163 -3.65 -34.80 -0.09
CA LYS A 163 -4.92 -35.39 0.35
C LYS A 163 -6.07 -34.91 -0.56
N MET A 164 -6.01 -33.62 -1.00
CA MET A 164 -7.00 -33.04 -1.93
C MET A 164 -6.81 -33.69 -3.31
N LEU A 165 -5.55 -33.96 -3.71
CA LEU A 165 -5.20 -34.56 -5.00
C LEU A 165 -5.66 -36.02 -5.08
N GLN A 166 -5.38 -36.81 -4.01
CA GLN A 166 -5.77 -38.22 -3.86
C GLN A 166 -7.29 -38.36 -3.98
N ARG A 167 -8.04 -37.40 -3.38
CA ARG A 167 -9.51 -37.31 -3.46
C ARG A 167 -9.96 -37.14 -4.93
N ILE A 168 -9.18 -36.41 -5.76
CA ILE A 168 -9.52 -36.19 -7.18
C ILE A 168 -9.29 -37.49 -8.00
N ASP A 169 -8.14 -38.19 -7.78
CA ASP A 169 -7.81 -39.45 -8.47
C ASP A 169 -8.90 -40.50 -8.21
N ALA A 170 -9.37 -40.56 -6.94
CA ALA A 170 -10.44 -41.45 -6.50
C ALA A 170 -11.73 -41.19 -7.28
N HIS A 171 -12.10 -39.90 -7.49
CA HIS A 171 -13.29 -39.53 -8.27
C HIS A 171 -13.14 -39.97 -9.74
N ASN A 172 -11.91 -39.86 -10.28
CA ASN A 172 -11.55 -40.23 -11.66
C ASN A 172 -11.69 -41.72 -11.92
N THR A 173 -11.19 -42.56 -10.99
CA THR A 173 -11.30 -44.03 -11.09
C THR A 173 -12.77 -44.44 -11.26
N ARG A 174 -13.69 -43.72 -10.57
CA ARG A 174 -15.14 -43.94 -10.62
C ARG A 174 -15.81 -43.33 -11.87
N GLN A 175 -15.05 -42.64 -12.75
CA GLN A 175 -15.62 -41.95 -13.92
C GLN A 175 -15.04 -42.39 -15.28
N PRO A 176 -15.83 -42.33 -16.40
CA PRO A 176 -15.28 -42.73 -17.72
C PRO A 176 -14.17 -41.79 -18.22
N PRO A 177 -13.27 -42.20 -19.18
CA PRO A 177 -12.25 -41.25 -19.68
C PRO A 177 -12.87 -40.00 -20.31
N GLU A 178 -14.16 -40.09 -20.73
CA GLU A 178 -14.96 -39.01 -21.31
C GLU A 178 -15.26 -37.91 -20.27
N GLN A 179 -15.56 -38.29 -19.01
CA GLN A 179 -15.90 -37.33 -17.95
C GLN A 179 -14.90 -37.31 -16.77
N LYS A 180 -13.59 -37.47 -17.05
CA LYS A 180 -12.56 -37.38 -15.99
C LYS A 180 -12.11 -35.91 -15.82
N ILE A 181 -11.72 -35.54 -14.58
CA ILE A 181 -11.22 -34.19 -14.25
C ILE A 181 -9.72 -34.09 -14.56
N ARG A 182 -9.33 -33.07 -15.38
CA ARG A 182 -7.92 -32.84 -15.67
C ARG A 182 -7.36 -32.05 -14.50
N VAL A 183 -6.16 -32.40 -14.05
CA VAL A 183 -5.56 -31.79 -12.88
C VAL A 183 -4.20 -31.18 -13.22
N SER A 184 -3.96 -29.94 -12.77
CA SER A 184 -2.67 -29.29 -12.95
C SER A 184 -2.16 -28.77 -11.63
N VAL A 185 -0.84 -28.79 -11.47
CA VAL A 185 -0.15 -28.35 -10.25
C VAL A 185 0.91 -27.29 -10.59
N GLU A 186 1.13 -26.33 -9.68
CA GLU A 186 2.16 -25.31 -9.82
C GLU A 186 3.08 -25.38 -8.61
N VAL A 187 4.39 -25.48 -8.86
CA VAL A 187 5.44 -25.48 -7.84
C VAL A 187 6.25 -24.18 -8.12
N GLU A 188 5.83 -23.07 -7.46
CA GLU A 188 6.41 -21.74 -7.65
C GLU A 188 7.51 -21.41 -6.66
N LYS A 189 7.36 -21.84 -5.39
CA LYS A 189 8.35 -21.50 -4.39
C LYS A 189 9.38 -22.62 -4.14
N PRO A 190 10.66 -22.28 -3.88
CA PRO A 190 11.66 -23.34 -3.65
C PRO A 190 11.60 -23.93 -2.23
N ARG A 191 10.45 -24.57 -1.89
CA ARG A 191 10.18 -25.22 -0.61
C ARG A 191 10.16 -26.74 -0.84
N GLU A 192 10.96 -27.49 -0.06
CA GLU A 192 11.12 -28.95 -0.16
C GLU A 192 9.84 -29.75 0.14
N GLU A 193 8.89 -29.15 0.91
CA GLU A 193 7.61 -29.78 1.24
C GLU A 193 6.86 -30.02 -0.07
N LEU A 194 6.85 -29.00 -0.95
CA LEU A 194 6.16 -28.94 -2.25
C LEU A 194 6.61 -29.96 -3.31
N PHE A 195 7.84 -30.52 -3.21
CA PHE A 195 8.37 -31.45 -4.21
C PHE A 195 7.56 -32.76 -4.33
N GLN A 196 6.72 -33.05 -3.33
CA GLN A 196 5.85 -34.23 -3.31
C GLN A 196 4.74 -34.14 -4.37
N LEU A 197 4.36 -32.90 -4.74
CA LEU A 197 3.29 -32.57 -5.69
C LEU A 197 3.63 -32.86 -7.17
N PHE A 198 4.90 -33.20 -7.45
CA PHE A 198 5.45 -33.39 -8.80
C PHE A 198 4.84 -34.48 -9.77
N GLY A 199 4.38 -35.66 -9.38
CA GLY A 199 3.94 -36.21 -8.12
C GLY A 199 2.50 -36.60 -8.44
N TYR A 200 1.67 -35.58 -8.66
CA TYR A 200 0.25 -35.68 -9.00
C TYR A 200 -0.05 -34.74 -10.17
N GLY A 201 -1.23 -34.90 -10.76
CA GLY A 201 -1.68 -34.07 -11.87
C GLY A 201 -1.12 -34.40 -13.24
N ASP A 202 -1.95 -34.13 -14.25
CA ASP A 202 -1.72 -34.29 -15.68
C ASP A 202 -0.69 -33.29 -16.19
N VAL A 203 -0.76 -32.02 -15.72
CA VAL A 203 0.16 -30.96 -16.11
C VAL A 203 0.82 -30.47 -14.83
N VAL A 204 2.14 -30.26 -14.85
CA VAL A 204 2.93 -29.83 -13.69
C VAL A 204 3.79 -28.62 -14.08
N PHE A 205 3.47 -27.44 -13.55
CA PHE A 205 4.19 -26.19 -13.79
C PHE A 205 5.28 -26.02 -12.74
N VAL A 206 6.54 -25.92 -13.19
CA VAL A 206 7.69 -25.70 -12.34
C VAL A 206 8.31 -24.36 -12.70
N SER A 207 8.48 -23.50 -11.72
CA SER A 207 9.04 -22.18 -11.96
C SER A 207 10.56 -22.20 -12.16
N LYS A 208 11.04 -21.17 -12.88
CA LYS A 208 12.43 -20.89 -13.20
C LYS A 208 13.22 -20.80 -11.89
N ASP A 209 12.63 -20.15 -10.83
CA ASP A 209 13.27 -20.01 -9.51
C ASP A 209 13.42 -21.36 -8.81
N VAL A 210 12.44 -22.29 -8.96
CA VAL A 210 12.52 -23.63 -8.36
C VAL A 210 13.64 -24.39 -9.10
N ALA A 211 13.64 -24.29 -10.44
CA ALA A 211 14.62 -24.91 -11.34
C ALA A 211 16.07 -24.45 -11.03
N LYS A 212 16.27 -23.13 -10.79
CA LYS A 212 17.58 -22.58 -10.47
C LYS A 212 18.04 -23.06 -9.09
N HIS A 213 17.10 -23.18 -8.13
CA HIS A 213 17.35 -23.68 -6.77
C HIS A 213 17.67 -25.20 -6.72
N LEU A 214 17.67 -25.88 -7.88
CA LEU A 214 17.99 -27.31 -7.97
C LEU A 214 19.22 -27.60 -8.86
N GLY A 215 19.90 -26.52 -9.29
CA GLY A 215 21.13 -26.56 -10.10
C GLY A 215 21.02 -26.53 -11.61
N PHE A 216 19.79 -26.29 -12.12
CA PHE A 216 19.48 -26.24 -13.55
C PHE A 216 19.58 -24.81 -14.05
N GLN A 217 20.23 -24.61 -15.22
CA GLN A 217 20.47 -23.28 -15.79
C GLN A 217 19.65 -22.98 -17.05
N SER A 218 18.71 -23.88 -17.39
CA SER A 218 17.84 -23.73 -18.56
C SER A 218 16.54 -24.50 -18.34
N ALA A 219 15.48 -24.12 -19.09
CA ALA A 219 14.20 -24.80 -19.04
C ALA A 219 14.33 -26.21 -19.58
N GLU A 220 15.24 -26.46 -20.55
CA GLU A 220 15.46 -27.80 -21.10
C GLU A 220 16.15 -28.75 -20.06
N GLU A 221 17.13 -28.21 -19.29
CA GLU A 221 17.90 -28.90 -18.26
C GLU A 221 16.95 -29.40 -17.18
N ALA A 222 16.16 -28.46 -16.62
CA ALA A 222 15.18 -28.67 -15.57
C ALA A 222 14.20 -29.77 -15.91
N LEU A 223 13.66 -29.77 -17.16
CA LEU A 223 12.69 -30.77 -17.65
C LEU A 223 13.30 -32.16 -17.74
N ARG A 224 14.51 -32.28 -18.28
CA ARG A 224 15.22 -33.55 -18.41
C ARG A 224 15.56 -34.11 -17.02
N GLY A 225 15.88 -33.21 -16.09
CA GLY A 225 16.19 -33.55 -14.71
C GLY A 225 15.00 -33.98 -13.88
N LEU A 226 13.95 -33.14 -13.82
CA LEU A 226 12.76 -33.36 -13.00
C LEU A 226 11.68 -34.26 -13.58
N TYR A 227 11.76 -34.72 -14.86
CA TYR A 227 10.67 -35.54 -15.42
C TYR A 227 10.40 -36.84 -14.65
N GLY A 228 11.45 -37.48 -14.14
CA GLY A 228 11.34 -38.73 -13.38
C GLY A 228 10.37 -38.67 -12.21
N ARG A 229 10.22 -37.46 -11.60
CA ARG A 229 9.39 -37.12 -10.44
C ARG A 229 7.89 -36.99 -10.75
N VAL A 230 7.49 -37.00 -12.04
CA VAL A 230 6.09 -36.79 -12.40
C VAL A 230 5.31 -38.09 -12.54
N ARG A 231 3.97 -37.98 -12.34
CA ARG A 231 2.97 -39.04 -12.51
C ARG A 231 3.09 -39.62 -13.93
N LYS A 232 2.76 -40.91 -14.13
CA LYS A 232 2.86 -41.56 -15.44
C LYS A 232 1.88 -40.89 -16.42
N GLY A 233 2.42 -40.39 -17.54
CA GLY A 233 1.64 -39.72 -18.60
C GLY A 233 1.44 -38.23 -18.44
N ALA A 234 2.12 -37.63 -17.44
CA ALA A 234 2.04 -36.21 -17.12
C ALA A 234 2.99 -35.35 -17.93
N VAL A 235 2.57 -34.12 -18.21
CA VAL A 235 3.35 -33.10 -18.92
C VAL A 235 3.99 -32.14 -17.89
N LEU A 236 5.31 -32.05 -17.90
CA LEU A 236 6.02 -31.15 -17.03
C LEU A 236 6.29 -29.88 -17.87
N VAL A 237 5.89 -28.69 -17.36
CA VAL A 237 6.00 -27.41 -18.08
C VAL A 237 6.91 -26.47 -17.31
N CYS A 238 7.84 -25.80 -18.02
CA CYS A 238 8.68 -24.80 -17.38
C CYS A 238 8.82 -23.58 -18.26
N ALA A 239 8.24 -22.46 -17.85
CA ALA A 239 8.39 -21.17 -18.53
C ALA A 239 9.73 -20.58 -18.05
N TRP A 240 10.38 -19.78 -18.89
CA TRP A 240 11.69 -19.21 -18.53
C TRP A 240 11.78 -17.74 -18.96
N ALA A 241 10.78 -16.94 -18.54
CA ALA A 241 10.63 -15.51 -18.83
C ALA A 241 10.75 -15.23 -20.34
N GLU A 242 11.74 -14.41 -20.72
CA GLU A 242 12.07 -13.98 -22.09
C GLU A 242 12.66 -15.09 -22.95
N GLU A 243 13.04 -16.22 -22.34
CA GLU A 243 13.58 -17.36 -23.09
C GLU A 243 12.48 -18.33 -23.57
N GLY A 244 11.23 -17.89 -23.44
CA GLY A 244 10.08 -18.66 -23.85
C GLY A 244 9.74 -19.72 -22.84
N ALA A 245 9.14 -20.81 -23.27
CA ALA A 245 8.74 -21.89 -22.39
C ALA A 245 8.99 -23.19 -23.08
N ASP A 246 9.08 -24.25 -22.28
CA ASP A 246 9.35 -25.61 -22.76
C ASP A 246 8.46 -26.59 -22.04
N ALA A 247 8.20 -27.72 -22.69
CA ALA A 247 7.36 -28.78 -22.13
C ALA A 247 7.96 -30.13 -22.51
N LEU A 248 7.61 -31.17 -21.74
CA LEU A 248 8.10 -32.54 -21.89
C LEU A 248 7.05 -33.48 -21.36
N GLY A 249 6.63 -34.39 -22.23
CA GLY A 249 5.63 -35.39 -21.90
C GLY A 249 6.14 -36.81 -21.96
N PRO A 250 5.23 -37.81 -21.85
CA PRO A 250 5.66 -39.23 -21.93
C PRO A 250 6.54 -39.60 -23.14
N ASP A 251 6.24 -39.02 -24.33
CA ASP A 251 6.93 -39.27 -25.61
C ASP A 251 8.46 -38.97 -25.56
N GLY A 252 8.87 -38.23 -24.52
CA GLY A 252 10.25 -37.86 -24.29
C GLY A 252 10.77 -36.82 -25.25
N LYS A 253 9.87 -36.19 -26.02
CA LYS A 253 10.22 -35.14 -26.98
C LYS A 253 10.00 -33.78 -26.36
N LEU A 254 11.06 -32.99 -26.38
CA LEU A 254 11.06 -31.64 -25.86
C LEU A 254 10.27 -30.72 -26.78
N LEU A 255 9.39 -29.92 -26.20
CA LEU A 255 8.59 -28.94 -26.94
C LEU A 255 9.02 -27.55 -26.47
N HIS A 256 9.20 -26.63 -27.43
CA HIS A 256 9.61 -25.27 -27.10
C HIS A 256 8.70 -24.20 -27.74
N SER A 257 8.68 -23.03 -27.11
CA SER A 257 7.93 -21.90 -27.60
C SER A 257 8.73 -20.68 -27.31
N ASP A 258 9.14 -19.97 -28.35
CA ASP A 258 9.76 -18.67 -28.19
C ASP A 258 8.73 -17.78 -27.51
N ALA A 259 9.20 -16.71 -26.86
CA ALA A 259 8.31 -15.75 -26.19
C ALA A 259 7.72 -14.77 -27.21
N PHE A 260 6.66 -14.06 -26.78
CA PHE A 260 6.04 -13.02 -27.58
C PHE A 260 6.27 -11.66 -26.86
N PRO A 261 7.55 -11.21 -26.65
CA PRO A 261 7.78 -9.96 -25.93
C PRO A 261 7.14 -8.74 -26.54
N PRO A 262 6.54 -7.86 -25.73
CA PRO A 262 6.02 -6.62 -26.32
C PRO A 262 7.23 -5.68 -26.57
N PRO A 263 7.16 -4.79 -27.58
CA PRO A 263 8.27 -3.85 -27.83
C PRO A 263 8.74 -3.15 -26.54
N ARG A 264 7.78 -2.64 -25.73
CA ARG A 264 8.00 -2.01 -24.41
C ARG A 264 7.29 -2.85 -23.31
N VAL A 265 8.09 -3.56 -22.49
CA VAL A 265 7.69 -4.39 -21.34
C VAL A 265 7.46 -3.44 -20.13
N VAL A 266 6.15 -3.23 -19.74
CA VAL A 266 5.76 -2.27 -18.69
C VAL A 266 5.27 -2.91 -17.37
N ASP A 267 4.81 -4.19 -17.36
CA ASP A 267 4.29 -4.81 -16.13
C ASP A 267 4.39 -6.36 -16.11
N THR A 268 5.39 -6.95 -15.42
CA THR A 268 5.49 -8.42 -15.35
C THR A 268 4.73 -9.06 -14.16
N LEU A 269 3.96 -8.26 -13.39
CA LEU A 269 3.20 -8.78 -12.25
C LEU A 269 2.03 -9.67 -12.70
N GLY A 270 2.14 -10.96 -12.45
CA GLY A 270 1.10 -11.90 -12.85
C GLY A 270 1.26 -12.48 -14.24
N ALA A 271 2.41 -12.27 -14.89
CA ALA A 271 2.70 -12.82 -16.22
C ALA A 271 2.71 -14.35 -16.19
N GLY A 272 3.38 -14.93 -15.19
CA GLY A 272 3.47 -16.37 -14.95
C GLY A 272 2.12 -16.99 -14.70
N ASP A 273 1.24 -16.27 -14.00
CA ASP A 273 -0.13 -16.74 -13.74
C ASP A 273 -0.98 -16.67 -15.03
N THR A 274 -0.67 -15.70 -15.93
CA THR A 274 -1.28 -15.52 -17.25
C THR A 274 -0.84 -16.67 -18.17
N PHE A 275 0.46 -17.04 -18.08
CA PHE A 275 1.04 -18.15 -18.82
C PHE A 275 0.27 -19.44 -18.38
N ASN A 276 0.35 -19.79 -17.09
CA ASN A 276 -0.26 -20.96 -16.51
C ASN A 276 -1.73 -21.11 -16.89
N ALA A 277 -2.54 -20.04 -16.72
CA ALA A 277 -3.97 -20.06 -17.02
C ALA A 277 -4.27 -20.24 -18.49
N SER A 278 -3.47 -19.61 -19.38
CA SER A 278 -3.62 -19.74 -20.83
C SER A 278 -3.24 -21.14 -21.32
N VAL A 279 -2.20 -21.77 -20.70
CA VAL A 279 -1.75 -23.14 -20.99
C VAL A 279 -2.89 -24.09 -20.60
N ILE A 280 -3.49 -23.88 -19.40
CA ILE A 280 -4.62 -24.67 -18.91
C ILE A 280 -5.80 -24.47 -19.86
N PHE A 281 -6.13 -23.22 -20.21
CA PHE A 281 -7.24 -22.88 -21.11
C PHE A 281 -7.14 -23.64 -22.43
N SER A 282 -5.97 -23.55 -23.12
CA SER A 282 -5.73 -24.21 -24.40
C SER A 282 -5.85 -25.73 -24.30
N LEU A 283 -5.26 -26.31 -23.25
CA LEU A 283 -5.33 -27.76 -23.04
C LEU A 283 -6.76 -28.18 -22.74
N SER A 284 -7.46 -27.43 -21.86
CA SER A 284 -8.87 -27.67 -21.51
C SER A 284 -9.74 -27.68 -22.76
N GLN A 285 -9.32 -26.97 -23.83
CA GLN A 285 -10.03 -26.84 -25.11
C GLN A 285 -9.58 -27.89 -26.13
N GLY A 286 -8.78 -28.85 -25.66
CA GLY A 286 -8.22 -29.94 -26.45
C GLY A 286 -7.20 -29.58 -27.53
N ARG A 287 -6.40 -28.53 -27.34
CA ARG A 287 -5.38 -28.22 -28.34
C ARG A 287 -4.10 -28.94 -27.89
N SER A 288 -3.16 -29.18 -28.81
CA SER A 288 -1.89 -29.86 -28.47
C SER A 288 -1.05 -29.05 -27.45
N VAL A 289 -0.16 -29.75 -26.74
CA VAL A 289 0.77 -29.17 -25.79
C VAL A 289 1.64 -28.13 -26.51
N GLN A 290 2.01 -28.40 -27.77
CA GLN A 290 2.77 -27.42 -28.56
C GLN A 290 1.97 -26.10 -28.73
N GLU A 291 0.70 -26.21 -29.15
CA GLU A 291 -0.21 -25.08 -29.34
C GLU A 291 -0.47 -24.34 -28.03
N ALA A 292 -0.64 -25.10 -26.92
CA ALA A 292 -0.91 -24.58 -25.57
C ALA A 292 0.30 -23.81 -25.04
N LEU A 293 1.52 -24.37 -25.21
CA LEU A 293 2.78 -23.75 -24.79
C LEU A 293 2.87 -22.39 -25.42
N ARG A 294 2.68 -22.38 -26.72
CA ARG A 294 2.71 -21.28 -27.64
C ARG A 294 1.67 -20.22 -27.28
N PHE A 295 0.45 -20.64 -26.85
CA PHE A 295 -0.63 -19.72 -26.45
C PHE A 295 -0.32 -19.03 -25.12
N GLY A 296 0.32 -19.77 -24.23
CA GLY A 296 0.70 -19.28 -22.91
C GLY A 296 1.68 -18.15 -23.00
N CYS A 297 2.68 -18.31 -23.88
CA CYS A 297 3.71 -17.34 -24.18
C CYS A 297 3.05 -16.15 -24.85
N GLN A 298 2.06 -16.41 -25.68
CA GLN A 298 1.36 -15.40 -26.44
C GLN A 298 0.63 -14.42 -25.55
N VAL A 299 -0.15 -14.97 -24.60
CA VAL A 299 -0.99 -14.19 -23.68
C VAL A 299 -0.10 -13.54 -22.60
N ALA A 300 0.90 -14.28 -22.03
CA ALA A 300 1.84 -13.73 -21.06
C ALA A 300 2.60 -12.50 -21.65
N GLY A 301 2.90 -12.54 -22.95
CA GLY A 301 3.54 -11.45 -23.67
C GLY A 301 2.64 -10.24 -23.81
N LYS A 302 1.38 -10.44 -24.24
CA LYS A 302 0.42 -9.32 -24.39
C LYS A 302 0.27 -8.58 -23.06
N LYS A 303 0.11 -9.36 -21.98
CA LYS A 303 -0.04 -8.90 -20.61
C LYS A 303 1.16 -8.02 -20.18
N CYS A 304 2.41 -8.41 -20.51
CA CYS A 304 3.62 -7.65 -20.15
C CYS A 304 3.73 -6.26 -20.78
N GLY A 305 2.91 -5.94 -21.77
CA GLY A 305 2.95 -4.65 -22.42
C GLY A 305 1.84 -3.74 -21.95
N LEU A 306 0.99 -4.28 -21.04
CA LEU A 306 -0.16 -3.58 -20.44
C LEU A 306 -0.04 -3.50 -18.91
N GLN A 307 -0.70 -2.52 -18.30
CA GLN A 307 -0.74 -2.43 -16.83
C GLN A 307 -1.99 -3.23 -16.40
N GLY A 308 -1.81 -4.19 -15.52
CA GLY A 308 -2.95 -5.03 -15.12
C GLY A 308 -3.31 -6.13 -16.11
N PHE A 309 -4.61 -6.42 -16.25
CA PHE A 309 -5.11 -7.52 -17.09
C PHE A 309 -6.17 -7.10 -18.13
N ASP A 310 -6.63 -5.86 -18.12
CA ASP A 310 -7.61 -5.47 -19.13
C ASP A 310 -6.93 -5.26 -20.47
N GLY A 311 -7.53 -5.80 -21.51
CA GLY A 311 -7.00 -5.64 -22.85
C GLY A 311 -6.06 -6.73 -23.31
N ILE A 312 -5.88 -7.80 -22.50
CA ILE A 312 -5.03 -8.93 -22.89
C ILE A 312 -5.70 -9.72 -24.06
N VAL A 313 -7.00 -9.44 -24.31
CA VAL A 313 -7.81 -10.05 -25.37
C VAL A 313 -8.76 -9.03 -25.99
N GLY B 13 -23.59 16.93 11.82
CA GLY B 13 -24.49 17.54 12.79
C GLY B 13 -24.05 18.91 13.28
N LEU B 14 -24.76 19.44 14.30
CA LEU B 14 -24.55 20.76 14.91
C LEU B 14 -23.24 20.90 15.69
N VAL B 15 -22.28 21.68 15.14
CA VAL B 15 -21.01 22.01 15.79
C VAL B 15 -21.22 23.41 16.46
N PRO B 16 -21.13 23.56 17.80
CA PRO B 16 -21.24 24.92 18.39
C PRO B 16 -20.28 25.95 17.76
N ARG B 17 -20.63 27.22 17.85
CA ARG B 17 -19.88 28.35 17.28
C ARG B 17 -18.50 28.51 17.94
N GLY B 18 -17.46 28.72 17.13
CA GLY B 18 -16.06 28.91 17.54
C GLY B 18 -15.55 27.92 18.58
N SER B 19 -15.78 26.61 18.32
CA SER B 19 -15.48 25.49 19.20
C SER B 19 -14.39 24.55 18.69
N GLN B 20 -14.17 24.53 17.35
CA GLN B 20 -13.24 23.63 16.69
C GLN B 20 -11.91 24.21 16.27
N ILE B 21 -10.90 23.30 16.17
CA ILE B 21 -9.58 23.62 15.63
C ILE B 21 -9.53 22.90 14.27
N LEU B 22 -9.22 23.67 13.19
CA LEU B 22 -9.18 23.12 11.85
C LEU B 22 -7.76 22.94 11.37
N CYS B 23 -7.45 21.80 10.75
CA CYS B 23 -6.12 21.54 10.22
C CYS B 23 -6.26 21.28 8.75
N VAL B 24 -5.62 22.13 7.95
CA VAL B 24 -5.67 22.11 6.48
C VAL B 24 -4.34 21.57 5.98
N GLY B 25 -4.39 20.45 5.27
CA GLY B 25 -3.19 19.84 4.71
C GLY B 25 -3.33 18.45 4.17
N LEU B 26 -2.24 17.67 4.28
CA LEU B 26 -2.14 16.35 3.69
C LEU B 26 -2.56 15.19 4.55
N VAL B 27 -3.31 14.27 3.93
CA VAL B 27 -3.61 12.94 4.45
C VAL B 27 -3.06 11.96 3.42
N VAL B 28 -2.42 10.88 3.90
CA VAL B 28 -1.81 9.83 3.08
C VAL B 28 -1.95 8.45 3.76
N LEU B 29 -2.01 7.37 2.97
CA LEU B 29 -2.08 6.04 3.56
C LEU B 29 -0.67 5.50 3.46
N ASP B 30 -0.01 5.35 4.60
CA ASP B 30 1.34 4.83 4.62
C ASP B 30 1.30 3.34 4.90
N VAL B 31 1.86 2.56 3.96
CA VAL B 31 1.98 1.12 4.13
C VAL B 31 3.42 0.94 4.57
N ILE B 32 3.62 0.49 5.82
CA ILE B 32 4.95 0.33 6.41
C ILE B 32 5.25 -1.17 6.63
N SER B 33 6.32 -1.66 5.99
CA SER B 33 6.76 -3.06 6.02
C SER B 33 8.15 -3.20 6.65
N LEU B 34 8.29 -4.17 7.58
CA LEU B 34 9.56 -4.46 8.25
C LEU B 34 10.15 -5.69 7.57
N VAL B 35 11.39 -5.59 7.08
CA VAL B 35 12.03 -6.68 6.32
C VAL B 35 13.40 -7.08 6.90
N ASP B 36 13.79 -8.38 6.77
CA ASP B 36 15.11 -8.88 7.24
C ASP B 36 16.20 -8.12 6.50
N LYS B 37 16.23 -8.27 5.16
CA LYS B 37 17.17 -7.61 4.25
C LYS B 37 16.38 -6.90 3.13
N TYR B 38 16.92 -5.77 2.62
CA TYR B 38 16.33 -4.97 1.53
C TYR B 38 16.06 -5.83 0.29
N PRO B 39 14.85 -5.79 -0.33
CA PRO B 39 14.59 -6.67 -1.48
C PRO B 39 15.36 -6.22 -2.73
N LYS B 40 15.93 -7.19 -3.42
CA LYS B 40 16.63 -6.91 -4.67
C LYS B 40 15.53 -6.85 -5.73
N GLU B 41 15.66 -5.95 -6.71
CA GLU B 41 14.67 -5.77 -7.77
C GLU B 41 14.23 -7.11 -8.39
N ASP B 42 12.93 -7.23 -8.71
CA ASP B 42 12.26 -8.39 -9.32
C ASP B 42 12.07 -9.59 -8.35
N SER B 43 12.29 -9.41 -7.02
CA SER B 43 12.09 -10.49 -6.05
C SER B 43 10.69 -10.54 -5.40
N GLU B 44 10.32 -11.72 -4.89
CA GLU B 44 9.08 -11.99 -4.18
C GLU B 44 9.53 -12.37 -2.76
N ILE B 45 9.44 -11.42 -1.81
CA ILE B 45 9.89 -11.61 -0.42
C ILE B 45 8.73 -11.45 0.61
N ARG B 46 8.92 -12.02 1.82
CA ARG B 46 7.96 -11.94 2.91
C ARG B 46 8.49 -11.01 4.00
N CYS B 47 7.62 -10.09 4.46
CA CYS B 47 7.95 -9.13 5.52
C CYS B 47 7.70 -9.73 6.89
N LEU B 48 8.42 -9.20 7.90
CA LEU B 48 8.28 -9.59 9.29
C LEU B 48 6.93 -9.10 9.77
N SER B 49 6.65 -7.79 9.56
CA SER B 49 5.38 -7.14 9.90
C SER B 49 4.98 -6.09 8.84
N GLN B 50 3.69 -5.77 8.79
CA GLN B 50 3.16 -4.72 7.92
C GLN B 50 2.05 -3.95 8.65
N ARG B 51 2.16 -2.61 8.58
CA ARG B 51 1.26 -1.66 9.20
C ARG B 51 0.63 -0.75 8.15
N TRP B 52 -0.66 -0.47 8.29
CA TRP B 52 -1.36 0.53 7.47
C TRP B 52 -1.64 1.67 8.43
N GLN B 53 -1.02 2.82 8.17
CA GLN B 53 -1.07 4.03 8.97
C GLN B 53 -1.60 5.20 8.21
N ARG B 54 -2.34 6.05 8.89
CA ARG B 54 -2.81 7.28 8.31
C ARG B 54 -1.72 8.31 8.66
N GLY B 55 -1.07 8.88 7.64
CA GLY B 55 -0.02 9.88 7.81
C GLY B 55 -0.45 11.25 7.35
N GLY B 56 0.52 12.16 7.21
CA GLY B 56 0.32 13.55 6.80
C GLY B 56 0.38 14.51 7.97
N ASN B 57 1.07 15.65 7.79
CA ASN B 57 1.23 16.65 8.88
C ASN B 57 -0.07 17.13 9.49
N ALA B 58 -0.99 17.69 8.67
CA ALA B 58 -2.28 18.17 9.18
C ALA B 58 -3.17 17.02 9.70
N SER B 59 -3.04 15.84 9.11
CA SER B 59 -3.79 14.68 9.57
C SER B 59 -3.35 14.22 10.99
N ASN B 60 -2.01 14.17 11.24
CA ASN B 60 -1.42 13.75 12.51
C ASN B 60 -1.76 14.69 13.65
N SER B 61 -1.69 16.02 13.39
CA SER B 61 -2.05 17.11 14.32
C SER B 61 -3.51 16.99 14.74
N CYS B 62 -4.39 16.52 13.85
CA CYS B 62 -5.79 16.27 14.20
C CYS B 62 -5.90 15.16 15.23
N THR B 63 -5.21 14.02 14.99
CA THR B 63 -5.24 12.90 15.93
C THR B 63 -4.80 13.38 17.32
N VAL B 64 -3.76 14.21 17.38
CA VAL B 64 -3.22 14.68 18.65
C VAL B 64 -4.25 15.58 19.39
N LEU B 65 -4.82 16.58 18.70
CA LEU B 65 -5.84 17.48 19.27
C LEU B 65 -7.06 16.71 19.75
N SER B 66 -7.40 15.59 19.09
CA SER B 66 -8.54 14.79 19.57
C SER B 66 -8.20 14.15 20.87
N LEU B 67 -7.01 13.58 20.94
CA LEU B 67 -6.48 12.93 22.14
C LEU B 67 -6.26 13.93 23.30
N LEU B 68 -5.95 15.21 22.98
CA LEU B 68 -5.74 16.29 23.95
C LEU B 68 -7.04 16.85 24.55
N GLY B 69 -8.17 16.46 23.94
CA GLY B 69 -9.52 16.81 24.38
C GLY B 69 -10.16 17.91 23.57
N ALA B 70 -9.66 18.15 22.33
CA ALA B 70 -10.13 19.23 21.50
C ALA B 70 -11.05 18.84 20.35
N PRO B 71 -12.20 19.55 20.19
CA PRO B 71 -13.05 19.32 19.00
C PRO B 71 -12.24 19.76 17.77
N CYS B 72 -11.98 18.85 16.83
CA CYS B 72 -11.16 19.21 15.69
C CYS B 72 -11.68 18.66 14.39
N ALA B 73 -11.28 19.32 13.31
CA ALA B 73 -11.71 19.05 11.96
C ALA B 73 -10.55 19.05 11.01
N PHE B 74 -10.57 18.14 10.03
CA PHE B 74 -9.56 18.05 8.99
C PHE B 74 -10.13 18.59 7.68
N MET B 75 -9.24 19.21 6.87
CA MET B 75 -9.53 19.73 5.56
C MET B 75 -8.41 19.45 4.57
N GLY B 76 -8.62 18.46 3.73
CA GLY B 76 -7.67 18.04 2.73
C GLY B 76 -8.34 17.37 1.56
N SER B 77 -7.57 17.11 0.51
CA SER B 77 -8.07 16.50 -0.70
C SER B 77 -8.06 15.01 -0.57
N MET B 78 -9.15 14.38 -1.00
CA MET B 78 -9.34 12.93 -1.04
C MET B 78 -10.21 12.64 -2.25
N ALA B 79 -9.96 11.51 -2.92
CA ALA B 79 -10.78 11.04 -4.05
C ALA B 79 -11.60 9.85 -3.56
N PRO B 80 -12.88 9.73 -3.94
CA PRO B 80 -13.68 8.56 -3.51
C PRO B 80 -13.02 7.25 -3.91
N GLY B 81 -12.98 6.32 -2.95
CA GLY B 81 -12.34 5.03 -3.17
C GLY B 81 -12.14 4.25 -1.90
N HIS B 82 -11.34 3.19 -1.96
CA HIS B 82 -11.07 2.32 -0.83
C HIS B 82 -9.99 2.86 0.12
N VAL B 83 -9.00 3.62 -0.44
CA VAL B 83 -7.92 4.29 0.30
C VAL B 83 -8.59 5.38 1.16
N ALA B 84 -9.44 6.22 0.55
CA ALA B 84 -10.23 7.24 1.24
C ALA B 84 -11.09 6.62 2.36
N ASP B 85 -11.60 5.42 2.14
CA ASP B 85 -12.44 4.68 3.08
C ASP B 85 -11.69 4.27 4.34
N PHE B 86 -10.46 3.76 4.17
CA PHE B 86 -9.59 3.40 5.29
C PHE B 86 -9.26 4.66 6.09
N LEU B 87 -8.79 5.72 5.40
CA LEU B 87 -8.40 6.98 5.99
C LEU B 87 -9.54 7.65 6.76
N VAL B 88 -10.76 7.68 6.18
CA VAL B 88 -11.93 8.27 6.84
C VAL B 88 -12.32 7.51 8.10
N ALA B 89 -12.24 6.20 8.05
CA ALA B 89 -12.55 5.38 9.19
C ALA B 89 -11.48 5.59 10.29
N ASP B 90 -10.21 5.83 9.89
CA ASP B 90 -9.14 6.11 10.83
C ASP B 90 -9.34 7.47 11.48
N PHE B 91 -9.71 8.49 10.67
CA PHE B 91 -9.98 9.83 11.17
C PHE B 91 -11.06 9.72 12.22
N ARG B 92 -12.21 9.12 11.83
CA ARG B 92 -13.36 8.87 12.71
C ARG B 92 -13.00 8.11 13.99
N ARG B 93 -12.12 7.11 13.88
CA ARG B 93 -11.59 6.30 14.98
C ARG B 93 -10.85 7.20 16.01
N ARG B 94 -10.16 8.26 15.51
CA ARG B 94 -9.47 9.22 16.37
C ARG B 94 -10.36 10.43 16.63
N GLY B 95 -11.67 10.26 16.44
CA GLY B 95 -12.70 11.26 16.67
C GLY B 95 -12.55 12.56 15.92
N VAL B 96 -11.97 12.53 14.72
CA VAL B 96 -11.78 13.72 13.88
C VAL B 96 -13.02 13.98 12.95
N ASP B 97 -13.49 15.25 12.87
CA ASP B 97 -14.61 15.69 12.02
C ASP B 97 -14.06 15.77 10.59
N VAL B 98 -14.65 14.99 9.68
CA VAL B 98 -14.15 14.83 8.33
C VAL B 98 -15.04 15.54 7.24
N SER B 99 -16.05 16.29 7.68
CA SER B 99 -17.03 17.02 6.86
C SER B 99 -16.48 18.14 5.97
N GLN B 100 -15.20 18.53 6.10
CA GLN B 100 -14.66 19.63 5.31
C GLN B 100 -13.80 19.19 4.19
N VAL B 101 -13.54 17.87 4.08
CA VAL B 101 -12.73 17.25 3.03
C VAL B 101 -13.17 17.76 1.63
N ALA B 102 -12.20 18.00 0.77
CA ALA B 102 -12.40 18.41 -0.61
C ALA B 102 -12.37 17.14 -1.42
N TRP B 103 -13.57 16.63 -1.77
CA TRP B 103 -13.64 15.41 -2.58
C TRP B 103 -13.39 15.72 -4.06
N GLN B 104 -12.31 15.12 -4.61
CA GLN B 104 -11.85 15.31 -5.99
C GLN B 104 -12.40 14.25 -6.94
N SER B 105 -12.82 14.70 -8.15
CA SER B 105 -13.35 13.84 -9.21
C SER B 105 -12.24 13.14 -9.99
N LYS B 106 -11.05 13.76 -10.05
CA LYS B 106 -9.89 13.17 -10.74
C LYS B 106 -8.64 13.23 -9.84
N GLY B 107 -7.95 12.10 -9.74
CA GLY B 107 -6.72 11.93 -8.96
C GLY B 107 -6.75 10.70 -8.07
N ASP B 108 -5.56 10.30 -7.55
CA ASP B 108 -5.36 9.18 -6.62
C ASP B 108 -5.13 9.72 -5.20
N THR B 109 -5.94 9.25 -4.21
CA THR B 109 -5.80 9.56 -2.78
C THR B 109 -4.37 9.10 -2.37
N PRO B 110 -3.52 10.01 -1.76
CA PRO B 110 -2.13 9.67 -1.51
C PRO B 110 -1.89 8.42 -0.70
N SER B 111 -0.93 7.67 -1.16
CA SER B 111 -0.54 6.44 -0.53
C SER B 111 0.94 6.27 -0.78
N SER B 112 1.72 6.23 0.30
CA SER B 112 3.16 6.02 0.25
C SER B 112 3.50 4.66 0.80
N CYS B 113 4.44 3.97 0.18
CA CYS B 113 4.92 2.66 0.60
C CYS B 113 6.32 2.87 1.24
N CYS B 114 6.51 2.34 2.45
N CYS B 114 6.51 2.35 2.46
CA CYS B 114 7.78 2.41 3.18
CA CYS B 114 7.75 2.47 3.25
C CYS B 114 8.31 1.01 3.49
C CYS B 114 8.31 1.08 3.63
N ILE B 115 9.63 0.86 3.38
CA ILE B 115 10.35 -0.39 3.64
C ILE B 115 11.41 -0.10 4.72
N ILE B 116 11.35 -0.81 5.86
CA ILE B 116 12.29 -0.68 6.98
C ILE B 116 13.14 -1.96 7.08
N ASN B 117 14.47 -1.80 6.99
CA ASN B 117 15.42 -2.91 7.09
C ASN B 117 15.65 -3.20 8.59
N ASN B 118 15.14 -4.35 9.10
CA ASN B 118 15.26 -4.79 10.49
C ASN B 118 16.73 -4.74 10.95
N SER B 119 17.67 -5.02 10.02
CA SER B 119 19.12 -4.99 10.22
C SER B 119 19.64 -3.56 10.58
N ASN B 120 19.97 -2.73 9.56
CA ASN B 120 20.53 -1.38 9.73
C ASN B 120 19.50 -0.27 10.10
N GLY B 121 18.21 -0.62 10.11
CA GLY B 121 17.12 0.29 10.49
C GLY B 121 16.80 1.39 9.49
N ASN B 122 17.46 1.36 8.31
CA ASN B 122 17.30 2.35 7.24
C ASN B 122 15.91 2.32 6.62
N ARG B 123 15.39 3.51 6.29
CA ARG B 123 14.08 3.71 5.68
C ARG B 123 14.16 3.99 4.20
N THR B 124 13.53 3.11 3.39
CA THR B 124 13.42 3.25 1.94
C THR B 124 11.96 3.62 1.63
N ILE B 125 11.72 4.82 1.06
CA ILE B 125 10.36 5.32 0.83
C ILE B 125 10.00 5.57 -0.65
N VAL B 126 8.82 5.10 -1.07
CA VAL B 126 8.28 5.35 -2.40
C VAL B 126 7.10 6.29 -2.14
N LEU B 127 7.30 7.58 -2.40
CA LEU B 127 6.33 8.64 -2.16
C LEU B 127 5.15 8.51 -3.06
N HIS B 128 3.99 9.00 -2.57
CA HIS B 128 2.72 9.03 -3.29
C HIS B 128 2.85 9.83 -4.59
N ASP B 129 1.97 9.55 -5.58
CA ASP B 129 1.98 10.25 -6.87
C ASP B 129 1.44 11.70 -6.73
N THR B 130 1.66 12.53 -7.75
CA THR B 130 1.30 13.94 -7.74
C THR B 130 -0.15 14.23 -8.26
N SER B 131 -0.83 13.19 -8.77
CA SER B 131 -2.15 13.21 -9.40
C SER B 131 -3.27 13.98 -8.70
N LEU B 132 -3.32 13.96 -7.37
CA LEU B 132 -4.43 14.57 -6.65
C LEU B 132 -4.26 16.10 -6.43
N PRO B 133 -5.24 16.92 -6.86
CA PRO B 133 -5.09 18.38 -6.67
C PRO B 133 -5.22 18.80 -5.20
N ASP B 134 -4.38 19.76 -4.78
CA ASP B 134 -4.37 20.31 -3.42
C ASP B 134 -5.60 21.20 -3.24
N VAL B 135 -6.03 21.41 -1.98
CA VAL B 135 -7.19 22.25 -1.63
C VAL B 135 -6.99 23.66 -2.18
N SER B 136 -8.01 24.21 -2.87
CA SER B 136 -7.89 25.53 -3.50
C SER B 136 -8.53 26.62 -2.67
N ALA B 137 -8.29 27.90 -3.05
CA ALA B 137 -8.86 29.07 -2.38
C ALA B 137 -10.38 29.12 -2.58
N THR B 138 -10.86 28.51 -3.69
CA THR B 138 -12.27 28.43 -4.05
C THR B 138 -12.94 27.32 -3.23
N ASP B 139 -12.23 26.17 -3.08
CA ASP B 139 -12.64 25.06 -2.22
C ASP B 139 -12.82 25.64 -0.78
N PHE B 140 -11.86 26.48 -0.32
CA PHE B 140 -11.87 27.13 0.98
C PHE B 140 -12.92 28.24 1.15
N GLU B 141 -13.25 28.99 0.07
CA GLU B 141 -14.23 30.10 0.04
C GLU B 141 -15.61 29.60 0.50
N LYS B 142 -15.87 28.31 0.24
CA LYS B 142 -17.08 27.55 0.53
C LYS B 142 -17.30 27.22 2.02
N VAL B 143 -16.28 27.44 2.87
CA VAL B 143 -16.33 27.04 4.27
C VAL B 143 -16.88 28.14 5.15
N ASP B 144 -17.89 27.81 5.97
CA ASP B 144 -18.40 28.78 6.93
C ASP B 144 -17.44 28.59 8.09
N LEU B 145 -16.64 29.62 8.31
CA LEU B 145 -15.61 29.67 9.34
C LEU B 145 -16.15 29.83 10.77
N THR B 146 -17.40 30.27 10.98
CA THR B 146 -17.87 30.51 12.36
C THR B 146 -17.66 29.36 13.41
N GLN B 147 -17.52 28.08 13.00
CA GLN B 147 -17.37 27.00 13.99
C GLN B 147 -15.94 26.85 14.52
N PHE B 148 -14.96 27.48 13.85
CA PHE B 148 -13.53 27.43 14.19
C PHE B 148 -13.05 28.56 15.10
N LYS B 149 -12.34 28.20 16.16
CA LYS B 149 -11.73 29.13 17.10
C LYS B 149 -10.27 29.38 16.71
N TRP B 150 -9.71 28.48 15.87
CA TRP B 150 -8.33 28.45 15.43
C TRP B 150 -8.25 27.68 14.11
N ILE B 151 -7.50 28.19 13.12
CA ILE B 151 -7.27 27.48 11.85
C ILE B 151 -5.76 27.33 11.64
N HIS B 152 -5.29 26.07 11.44
CA HIS B 152 -3.89 25.76 11.19
C HIS B 152 -3.68 25.24 9.74
N ILE B 153 -2.71 25.85 9.00
CA ILE B 153 -2.43 25.49 7.60
C ILE B 153 -0.99 24.95 7.38
N GLU B 154 -0.91 23.71 6.91
CA GLU B 154 0.32 23.03 6.52
C GLU B 154 0.65 23.63 5.13
N GLY B 155 1.76 24.33 5.02
CA GLY B 155 2.19 24.95 3.78
C GLY B 155 2.46 23.93 2.70
N ARG B 156 1.76 24.07 1.57
CA ARG B 156 1.88 23.13 0.45
C ARG B 156 1.82 23.88 -0.87
N ASN B 157 0.65 24.45 -1.20
CA ASN B 157 0.33 25.24 -2.39
C ASN B 157 0.15 26.70 -1.93
N ALA B 158 1.29 27.32 -1.62
CA ALA B 158 1.42 28.64 -1.02
C ALA B 158 0.58 29.73 -1.70
N SER B 159 0.69 29.90 -3.03
CA SER B 159 -0.11 30.90 -3.79
C SER B 159 -1.59 30.88 -3.35
N GLU B 160 -2.21 29.67 -3.37
CA GLU B 160 -3.59 29.37 -3.00
C GLU B 160 -3.87 29.55 -1.53
N GLN B 161 -2.97 29.02 -0.68
CA GLN B 161 -3.09 29.11 0.78
C GLN B 161 -3.05 30.56 1.25
N VAL B 162 -2.40 31.44 0.45
CA VAL B 162 -2.30 32.87 0.74
C VAL B 162 -3.68 33.50 0.65
N LYS B 163 -4.45 33.12 -0.40
CA LYS B 163 -5.81 33.61 -0.61
C LYS B 163 -6.72 33.17 0.55
N MET B 164 -6.56 31.88 1.00
CA MET B 164 -7.27 31.32 2.16
C MET B 164 -6.95 32.16 3.38
N LEU B 165 -5.67 32.43 3.61
CA LEU B 165 -5.24 33.21 4.77
C LEU B 165 -5.73 34.67 4.72
N GLN B 166 -5.79 35.27 3.52
CA GLN B 166 -6.35 36.62 3.35
C GLN B 166 -7.85 36.64 3.76
N ARG B 167 -8.59 35.54 3.37
CA ARG B 167 -10.01 35.32 3.73
C ARG B 167 -10.23 35.35 5.23
N ILE B 168 -9.35 34.65 5.99
CA ILE B 168 -9.47 34.60 7.46
C ILE B 168 -9.21 35.97 8.04
N ASP B 169 -8.29 36.74 7.43
CA ASP B 169 -7.99 38.12 7.90
C ASP B 169 -9.22 38.98 7.63
N ALA B 170 -9.82 38.83 6.41
CA ALA B 170 -11.05 39.51 6.03
C ALA B 170 -12.16 39.20 7.05
N HIS B 171 -12.44 37.89 7.30
CA HIS B 171 -13.43 37.44 8.28
C HIS B 171 -13.20 38.14 9.63
N ASN B 172 -11.96 38.05 10.14
CA ASN B 172 -11.51 38.56 11.44
C ASN B 172 -11.79 40.04 11.63
N THR B 173 -11.52 40.84 10.58
CA THR B 173 -11.74 42.30 10.48
C THR B 173 -13.12 42.74 11.00
N ARG B 174 -14.20 42.04 10.59
CA ARG B 174 -15.56 42.39 11.02
C ARG B 174 -16.00 41.73 12.36
N GLN B 175 -15.08 41.11 13.10
CA GLN B 175 -15.40 40.39 14.34
C GLN B 175 -14.86 41.01 15.62
N PRO B 176 -15.59 40.96 16.76
CA PRO B 176 -15.02 41.48 18.04
C PRO B 176 -13.77 40.69 18.45
N PRO B 177 -12.79 41.28 19.21
CA PRO B 177 -11.56 40.54 19.58
C PRO B 177 -11.73 39.14 20.20
N GLU B 178 -12.88 38.88 20.87
CA GLU B 178 -13.18 37.61 21.51
C GLU B 178 -13.82 36.60 20.53
N GLN B 179 -14.04 37.02 19.26
CA GLN B 179 -14.59 36.15 18.22
C GLN B 179 -13.69 36.06 17.01
N LYS B 180 -12.43 36.43 17.20
CA LYS B 180 -11.45 36.39 16.14
C LYS B 180 -10.77 35.01 16.12
N ILE B 181 -10.75 34.40 14.92
CA ILE B 181 -10.15 33.10 14.64
C ILE B 181 -8.61 33.23 14.68
N ARG B 182 -7.93 32.48 15.61
CA ARG B 182 -6.45 32.50 15.66
C ARG B 182 -5.92 31.62 14.53
N VAL B 183 -4.75 31.94 14.00
CA VAL B 183 -4.26 31.27 12.80
C VAL B 183 -2.82 30.87 12.95
N SER B 184 -2.50 29.65 12.55
CA SER B 184 -1.12 29.19 12.57
C SER B 184 -0.74 28.65 11.20
N VAL B 185 0.55 28.72 10.88
CA VAL B 185 1.11 28.27 9.62
C VAL B 185 2.32 27.35 9.91
N GLU B 186 2.53 26.36 9.03
CA GLU B 186 3.64 25.43 9.12
C GLU B 186 4.45 25.33 7.81
N VAL B 187 5.73 25.75 7.87
CA VAL B 187 6.71 25.72 6.78
C VAL B 187 7.68 24.61 7.17
N GLU B 188 7.43 23.40 6.65
CA GLU B 188 8.13 22.17 6.97
C GLU B 188 9.03 21.66 5.85
N LYS B 189 8.65 21.92 4.59
CA LYS B 189 9.44 21.51 3.42
C LYS B 189 10.32 22.69 2.97
N PRO B 190 11.61 22.43 2.67
CA PRO B 190 12.50 23.54 2.24
C PRO B 190 12.35 23.95 0.78
N ARG B 191 11.13 24.39 0.38
CA ARG B 191 10.77 24.85 -0.97
C ARG B 191 10.52 26.32 -0.88
N GLU B 192 11.13 27.07 -1.83
CA GLU B 192 11.08 28.52 -1.97
C GLU B 192 9.67 29.14 -1.94
N GLU B 193 8.75 28.55 -2.72
CA GLU B 193 7.35 28.97 -2.80
C GLU B 193 6.68 29.17 -1.42
N LEU B 194 7.00 28.29 -0.46
CA LEU B 194 6.41 28.32 0.89
C LEU B 194 6.84 29.51 1.77
N PHE B 195 8.06 30.03 1.57
CA PHE B 195 8.66 31.10 2.39
C PHE B 195 7.86 32.41 2.41
N GLN B 196 6.84 32.50 1.57
CA GLN B 196 5.95 33.66 1.54
C GLN B 196 4.90 33.55 2.62
N LEU B 197 4.67 32.32 3.12
CA LEU B 197 3.65 32.07 4.16
C LEU B 197 4.11 32.54 5.51
N PHE B 198 5.39 32.95 5.64
CA PHE B 198 5.94 33.50 6.87
C PHE B 198 5.20 34.76 7.29
N GLY B 199 4.70 35.50 6.30
CA GLY B 199 3.96 36.74 6.49
C GLY B 199 2.54 36.61 7.00
N TYR B 200 2.06 35.38 7.17
CA TYR B 200 0.69 35.11 7.61
C TYR B 200 0.65 34.30 8.89
N GLY B 201 -0.43 34.45 9.62
CA GLY B 201 -0.61 33.74 10.87
C GLY B 201 -0.06 34.43 12.09
N ASP B 202 -0.74 34.20 13.21
CA ASP B 202 -0.46 34.68 14.55
C ASP B 202 0.69 33.84 15.18
N VAL B 203 0.81 32.55 14.76
CA VAL B 203 1.84 31.58 15.15
C VAL B 203 2.41 30.95 13.87
N VAL B 204 3.73 30.97 13.71
CA VAL B 204 4.42 30.43 12.54
C VAL B 204 5.36 29.32 13.00
N PHE B 205 5.22 28.11 12.48
CA PHE B 205 6.12 27.01 12.87
C PHE B 205 7.07 26.76 11.71
N VAL B 206 8.38 26.88 11.97
CA VAL B 206 9.42 26.61 10.99
C VAL B 206 10.17 25.33 11.45
N SER B 207 10.49 24.41 10.51
CA SER B 207 11.19 23.18 10.91
C SER B 207 12.73 23.33 10.93
N LYS B 208 13.43 22.34 11.55
CA LYS B 208 14.88 22.21 11.59
C LYS B 208 15.45 22.14 10.15
N ASP B 209 14.80 21.35 9.24
CA ASP B 209 15.19 21.20 7.83
C ASP B 209 15.11 22.52 7.09
N VAL B 210 13.99 23.23 7.20
CA VAL B 210 13.83 24.53 6.54
C VAL B 210 14.90 25.51 7.05
N ALA B 211 15.15 25.53 8.38
CA ALA B 211 16.16 26.41 8.99
C ALA B 211 17.56 26.09 8.47
N LYS B 212 17.95 24.80 8.54
CA LYS B 212 19.24 24.30 8.08
C LYS B 212 19.49 24.66 6.62
N HIS B 213 18.50 24.41 5.74
CA HIS B 213 18.55 24.73 4.32
C HIS B 213 18.71 26.21 4.05
N LEU B 214 18.13 27.05 4.91
CA LEU B 214 18.21 28.51 4.84
C LEU B 214 19.54 29.00 5.42
N GLY B 215 20.33 28.07 5.96
CA GLY B 215 21.64 28.37 6.52
C GLY B 215 21.84 28.13 8.01
N PHE B 216 20.85 28.54 8.84
CA PHE B 216 20.83 28.49 10.31
C PHE B 216 21.23 27.14 10.88
N GLN B 217 22.14 27.18 11.88
CA GLN B 217 22.72 26.02 12.54
C GLN B 217 22.12 25.75 13.93
N SER B 218 21.11 26.56 14.35
CA SER B 218 20.39 26.43 15.63
C SER B 218 19.03 27.13 15.58
N ALA B 219 18.15 26.84 16.55
CA ALA B 219 16.81 27.44 16.62
C ALA B 219 16.88 28.93 16.97
N GLU B 220 17.93 29.37 17.72
CA GLU B 220 18.11 30.80 18.06
C GLU B 220 18.53 31.52 16.76
N GLU B 221 19.44 30.91 16.00
CA GLU B 221 19.91 31.45 14.74
C GLU B 221 18.73 31.59 13.76
N ALA B 222 17.87 30.57 13.70
CA ALA B 222 16.68 30.57 12.83
C ALA B 222 15.66 31.65 13.26
N LEU B 223 15.27 31.64 14.53
CA LEU B 223 14.29 32.60 15.02
C LEU B 223 14.78 34.03 14.91
N ARG B 224 16.05 34.32 15.25
CA ARG B 224 16.59 35.67 15.10
C ARG B 224 16.71 36.08 13.63
N GLY B 225 17.07 35.12 12.77
CA GLY B 225 17.28 35.34 11.34
C GLY B 225 16.05 35.41 10.44
N LEU B 226 14.89 34.86 10.88
CA LEU B 226 13.65 34.83 10.06
C LEU B 226 12.51 35.64 10.67
N TYR B 227 12.66 36.17 11.91
CA TYR B 227 11.58 36.91 12.53
C TYR B 227 11.13 38.13 11.71
N GLY B 228 12.04 38.72 10.96
CA GLY B 228 11.73 39.85 10.10
C GLY B 228 10.58 39.56 9.15
N ARG B 229 10.55 38.31 8.60
CA ARG B 229 9.58 37.81 7.63
C ARG B 229 8.13 37.70 8.17
N VAL B 230 7.93 37.69 9.51
CA VAL B 230 6.60 37.51 10.11
C VAL B 230 5.74 38.80 10.13
N ARG B 231 4.40 38.63 10.21
CA ARG B 231 3.48 39.76 10.30
C ARG B 231 3.58 40.40 11.69
N LYS B 232 3.17 41.68 11.82
CA LYS B 232 3.24 42.42 13.09
C LYS B 232 2.51 41.66 14.21
N GLY B 233 3.22 41.46 15.32
CA GLY B 233 2.70 40.79 16.51
C GLY B 233 2.70 39.26 16.51
N ALA B 234 3.27 38.63 15.45
CA ALA B 234 3.33 37.16 15.36
C ALA B 234 4.40 36.50 16.26
N VAL B 235 4.26 35.19 16.48
CA VAL B 235 5.15 34.36 17.29
C VAL B 235 5.77 33.33 16.32
N LEU B 236 7.10 33.33 16.22
CA LEU B 236 7.84 32.41 15.34
C LEU B 236 8.36 31.26 16.21
N VAL B 237 7.99 30.01 15.88
CA VAL B 237 8.32 28.80 16.67
C VAL B 237 9.21 27.81 15.90
N CYS B 238 10.23 27.25 16.60
CA CYS B 238 11.16 26.26 16.04
C CYS B 238 11.58 25.21 17.05
N ALA B 239 11.27 23.93 16.74
CA ALA B 239 11.67 22.75 17.53
C ALA B 239 12.95 22.20 16.89
N TRP B 240 13.95 21.92 17.72
CA TRP B 240 15.23 21.44 17.22
C TRP B 240 15.61 20.13 17.88
N ALA B 241 14.78 19.10 17.61
CA ALA B 241 14.93 17.72 18.09
C ALA B 241 15.21 17.64 19.61
N GLU B 242 16.43 17.19 19.95
CA GLU B 242 16.95 16.97 21.30
C GLU B 242 17.25 18.28 22.00
N GLU B 243 17.49 19.35 21.22
CA GLU B 243 17.76 20.70 21.75
C GLU B 243 16.52 21.43 22.28
N GLY B 244 15.35 20.78 22.30
CA GLY B 244 14.11 21.38 22.76
C GLY B 244 13.54 22.35 21.76
N ALA B 245 12.79 23.34 22.22
CA ALA B 245 12.20 24.29 21.28
C ALA B 245 12.37 25.70 21.74
N ASP B 246 12.33 26.64 20.79
CA ASP B 246 12.39 28.08 21.02
C ASP B 246 11.21 28.77 20.39
N ALA B 247 10.84 29.92 20.95
CA ALA B 247 9.78 30.78 20.42
C ALA B 247 10.22 32.26 20.52
N LEU B 248 9.82 33.05 19.55
CA LEU B 248 10.13 34.46 19.53
C LEU B 248 8.91 35.27 19.16
N GLY B 249 8.47 36.08 20.12
CA GLY B 249 7.32 36.97 20.01
C GLY B 249 7.68 38.37 19.55
N PRO B 250 6.69 39.28 19.53
CA PRO B 250 6.98 40.67 19.10
C PRO B 250 7.81 41.48 20.09
N ASP B 251 7.91 41.03 21.35
CA ASP B 251 8.71 41.68 22.40
C ASP B 251 10.23 41.47 22.24
N GLY B 252 10.63 40.56 21.36
CA GLY B 252 12.04 40.26 21.13
C GLY B 252 12.69 39.33 22.13
N LYS B 253 11.91 38.87 23.14
CA LYS B 253 12.37 37.95 24.19
C LYS B 253 12.36 36.49 23.66
N LEU B 254 13.55 35.93 23.38
CA LEU B 254 13.68 34.57 22.94
C LEU B 254 13.35 33.62 24.07
N LEU B 255 12.25 32.84 23.90
CA LEU B 255 11.75 31.86 24.87
C LEU B 255 12.32 30.49 24.50
N HIS B 256 12.54 29.63 25.49
CA HIS B 256 13.11 28.29 25.31
C HIS B 256 12.52 27.23 26.27
N SER B 257 12.51 25.94 25.83
CA SER B 257 12.12 24.79 26.63
C SER B 257 13.03 23.62 26.29
N ASP B 258 13.59 22.97 27.31
CA ASP B 258 14.47 21.84 27.03
C ASP B 258 13.57 20.69 26.62
N ALA B 259 14.10 19.75 25.82
CA ALA B 259 13.33 18.58 25.43
C ALA B 259 13.05 17.70 26.65
N PHE B 260 12.03 16.84 26.55
CA PHE B 260 11.69 15.91 27.62
C PHE B 260 11.87 14.50 26.99
N PRO B 261 13.13 14.02 26.78
CA PRO B 261 13.33 12.71 26.13
C PRO B 261 12.70 11.53 26.85
N PRO B 262 12.25 10.48 26.12
CA PRO B 262 11.67 9.33 26.81
C PRO B 262 12.77 8.39 27.34
N PRO B 263 12.46 7.49 28.31
CA PRO B 263 13.49 6.52 28.79
C PRO B 263 14.25 5.81 27.64
N ARG B 264 13.52 5.36 26.60
CA ARG B 264 14.03 4.76 25.36
C ARG B 264 13.20 5.35 24.21
N VAL B 265 13.80 5.51 23.00
CA VAL B 265 13.12 6.10 21.83
C VAL B 265 12.57 5.02 20.86
N VAL B 266 11.24 4.89 20.82
CA VAL B 266 10.46 3.91 20.05
C VAL B 266 10.11 4.38 18.62
N ASP B 267 9.36 5.50 18.50
CA ASP B 267 8.86 6.04 17.23
C ASP B 267 8.87 7.58 17.28
N THR B 268 9.62 8.21 16.35
CA THR B 268 9.69 9.68 16.25
C THR B 268 8.81 10.16 15.10
N LEU B 269 8.14 9.23 14.39
CA LEU B 269 7.28 9.62 13.28
C LEU B 269 6.02 10.32 13.80
N GLY B 270 5.90 11.61 13.48
CA GLY B 270 4.80 12.48 13.90
C GLY B 270 5.08 13.26 15.18
N ALA B 271 6.35 13.32 15.60
CA ALA B 271 6.77 14.03 16.80
C ALA B 271 6.67 15.55 16.66
N GLY B 272 6.98 16.06 15.47
CA GLY B 272 6.86 17.49 15.17
C GLY B 272 5.41 17.89 15.09
N ASP B 273 4.58 16.96 14.62
CA ASP B 273 3.14 17.16 14.49
C ASP B 273 2.49 17.19 15.84
N THR B 274 3.06 16.40 16.79
CA THR B 274 2.64 16.33 18.20
C THR B 274 3.03 17.65 18.87
N PHE B 275 4.25 18.14 18.56
CA PHE B 275 4.74 19.42 19.06
C PHE B 275 3.81 20.56 18.59
N ASN B 276 3.55 20.66 17.28
CA ASN B 276 2.68 21.68 16.70
C ASN B 276 1.28 21.69 17.30
N ALA B 277 0.63 20.54 17.29
CA ALA B 277 -0.73 20.42 17.84
C ALA B 277 -0.81 20.80 19.32
N SER B 278 0.20 20.40 20.14
CA SER B 278 0.23 20.65 21.59
C SER B 278 0.42 22.14 21.87
N VAL B 279 1.26 22.82 21.06
CA VAL B 279 1.49 24.25 21.18
C VAL B 279 0.21 24.97 20.83
N ILE B 280 -0.44 24.61 19.68
CA ILE B 280 -1.73 25.16 19.25
C ILE B 280 -2.74 24.96 20.38
N PHE B 281 -2.83 23.73 20.92
CA PHE B 281 -3.76 23.40 22.00
C PHE B 281 -3.58 24.30 23.18
N SER B 282 -2.34 24.41 23.70
CA SER B 282 -2.00 25.24 24.84
C SER B 282 -2.37 26.72 24.59
N LEU B 283 -1.96 27.27 23.44
CA LEU B 283 -2.32 28.64 23.13
C LEU B 283 -3.85 28.82 23.08
N SER B 284 -4.57 27.90 22.39
CA SER B 284 -6.03 27.93 22.27
C SER B 284 -6.77 27.90 23.64
N GLN B 285 -6.13 27.31 24.66
CA GLN B 285 -6.62 27.20 26.04
C GLN B 285 -6.27 28.43 26.90
N GLY B 286 -5.69 29.46 26.28
CA GLY B 286 -5.30 30.69 26.94
C GLY B 286 -4.00 30.63 27.73
N ARG B 287 -3.07 29.74 27.34
CA ARG B 287 -1.81 29.65 28.04
C ARG B 287 -0.79 30.58 27.34
N SER B 288 0.30 30.91 28.07
CA SER B 288 1.38 31.77 27.59
C SER B 288 2.22 31.00 26.58
N VAL B 289 2.96 31.71 25.72
CA VAL B 289 3.83 31.08 24.75
C VAL B 289 4.86 30.15 25.47
N GLN B 290 5.34 30.56 26.66
CA GLN B 290 6.30 29.80 27.47
C GLN B 290 5.66 28.52 27.97
N GLU B 291 4.42 28.60 28.54
CA GLU B 291 3.64 27.45 29.06
C GLU B 291 3.37 26.45 27.91
N ALA B 292 3.12 26.98 26.69
CA ALA B 292 2.84 26.24 25.47
C ALA B 292 4.05 25.51 24.90
N LEU B 293 5.26 26.15 24.88
CA LEU B 293 6.53 25.53 24.44
C LEU B 293 6.78 24.32 25.35
N ARG B 294 6.60 24.50 26.67
CA ARG B 294 6.83 23.45 27.64
C ARG B 294 5.89 22.29 27.39
N PHE B 295 4.57 22.59 27.27
CA PHE B 295 3.54 21.59 26.98
C PHE B 295 3.88 20.77 25.71
N GLY B 296 4.19 21.48 24.61
CA GLY B 296 4.59 20.90 23.34
C GLY B 296 5.74 19.94 23.47
N CYS B 297 6.80 20.34 24.20
CA CYS B 297 7.99 19.52 24.45
C CYS B 297 7.68 18.29 25.34
N GLN B 298 6.82 18.48 26.35
CA GLN B 298 6.40 17.36 27.21
C GLN B 298 5.68 16.28 26.38
N VAL B 299 4.67 16.66 25.60
CA VAL B 299 3.86 15.74 24.78
C VAL B 299 4.68 15.10 23.65
N ALA B 300 5.42 15.91 22.87
CA ALA B 300 6.25 15.39 21.78
C ALA B 300 7.32 14.40 22.32
N GLY B 301 7.75 14.61 23.56
CA GLY B 301 8.70 13.76 24.28
C GLY B 301 8.08 12.44 24.67
N LYS B 302 6.87 12.49 25.29
CA LYS B 302 6.12 11.28 25.68
C LYS B 302 5.82 10.40 24.44
N LYS B 303 5.47 11.03 23.30
CA LYS B 303 5.18 10.36 22.04
C LYS B 303 6.36 9.53 21.52
N CYS B 304 7.60 10.06 21.64
CA CYS B 304 8.79 9.40 21.12
C CYS B 304 9.13 8.05 21.76
N GLY B 305 8.64 7.80 22.99
CA GLY B 305 8.84 6.53 23.67
C GLY B 305 7.62 5.62 23.53
N LEU B 306 6.78 5.94 22.55
CA LEU B 306 5.53 5.24 22.25
C LEU B 306 5.44 4.83 20.80
N GLN B 307 4.74 3.73 20.55
CA GLN B 307 4.45 3.32 19.18
C GLN B 307 3.08 3.97 18.84
N GLY B 308 3.13 4.91 17.89
CA GLY B 308 1.98 5.68 17.44
C GLY B 308 1.57 6.77 18.42
N PHE B 309 0.26 7.09 18.44
CA PHE B 309 -0.27 8.16 19.30
C PHE B 309 -1.07 7.64 20.53
N ASP B 310 -1.25 6.31 20.70
CA ASP B 310 -1.92 5.72 21.86
C ASP B 310 -1.12 6.03 23.14
N GLY B 311 -1.80 6.69 24.09
CA GLY B 311 -1.27 7.03 25.41
C GLY B 311 -0.30 8.18 25.50
N ILE B 312 -0.45 9.20 24.63
CA ILE B 312 0.43 10.39 24.61
C ILE B 312 0.02 11.39 25.72
N VAL B 313 -1.21 11.24 26.28
CA VAL B 313 -1.77 12.10 27.33
C VAL B 313 -2.01 11.26 28.61
#